data_6D99
#
_entry.id   6D99
#
_cell.length_a   98.010
_cell.length_b   98.010
_cell.length_c   127.280
_cell.angle_alpha   90.000
_cell.angle_beta   90.000
_cell.angle_gamma   90.000
#
_symmetry.space_group_name_H-M   'P 41 21 2'
#
loop_
_entity.id
_entity.type
_entity.pdbx_description
1 polymer 'UDP-galactopyranose mutase'
2 non-polymer 'FLAVIN-ADENINE DINUCLEOTIDE'
3 non-polymer 'SODIUM ION'
4 non-polymer URIDINE-DIPHOSPHATE-N-ACETYLGALACTOSAMINE
5 non-polymer 'ISOPROPYL ALCOHOL'
6 water water
#
_entity_poly.entity_id   1
_entity_poly.type   'polypeptide(L)'
_entity_poly.pdbx_seq_one_letter_code
;MSDFDLIVVGSGLFGLTVAERAASQLGKKVLIVEKRSHLGGNAYSEAEPETGIEIHKYGAHLFHTSNKRVWDYVNQFTAF
TGYQHRVFAMHNGTAYQFPMGLGLINQFFGRYYTPDEARELIKEQSAEIDSKDATNLEEKAISLIGRPLYEAFIRDYTAK
QWQTDPKELPAGNITRLPVRYNFDNRYFNDTYEGLPVDGYAQWLSNMADHENIEVRLDTDWFEVREDLRAQNPEAPVVYT
GPLDRYFDYSEGHLGWRTLDFETEVLNTGDFQGTPVMNYNDAEFPYTRIHEFRHFHPEREDRHPKDKTVIMKEYSRFAEE
GDEPYYPINTPSDREMLFKYRELADAETESGKVYFGGRLGTYQYLDMHMAIASALSMFDNKLVDALKHHHHHH
;
_entity_poly.pdbx_strand_id   A
#
# COMPACT_ATOMS: atom_id res chain seq x y z
N SER A 2 -26.56 9.88 23.38
CA SER A 2 -26.75 8.66 22.59
C SER A 2 -25.60 7.68 22.78
N ASP A 3 -25.76 6.45 22.32
CA ASP A 3 -24.71 5.45 22.44
C ASP A 3 -23.55 5.72 21.47
N PHE A 4 -23.80 6.46 20.41
CA PHE A 4 -22.71 6.89 19.51
C PHE A 4 -23.08 8.18 18.82
N ASP A 5 -22.07 8.98 18.49
CA ASP A 5 -22.28 10.24 17.81
C ASP A 5 -21.84 10.16 16.37
N LEU A 6 -21.06 9.13 16.06
CA LEU A 6 -20.45 8.99 14.75
C LEU A 6 -20.30 7.51 14.49
N ILE A 7 -20.62 7.12 13.26
CA ILE A 7 -20.37 5.76 12.83
C ILE A 7 -19.23 5.77 11.79
N VAL A 8 -18.24 4.90 11.97
CA VAL A 8 -17.18 4.73 10.97
C VAL A 8 -17.25 3.33 10.41
N VAL A 9 -17.38 3.22 9.09
CA VAL A 9 -17.41 1.90 8.46
C VAL A 9 -16.01 1.55 7.96
N GLY A 10 -15.45 0.47 8.52
CA GLY A 10 -14.14 -0.03 8.14
C GLY A 10 -13.06 0.48 9.09
N SER A 11 -12.12 -0.36 9.47
CA SER A 11 -11.11 0.02 10.44
C SER A 11 -9.67 0.03 9.87
N GLY A 12 -9.52 0.42 8.61
CA GLY A 12 -8.18 0.67 8.07
C GLY A 12 -7.60 1.97 8.64
N LEU A 13 -6.45 2.40 8.15
CA LEU A 13 -5.80 3.59 8.69
C LEU A 13 -6.73 4.80 8.54
N PHE A 14 -7.52 4.86 7.46
CA PHE A 14 -8.41 5.99 7.29
C PHE A 14 -9.49 6.00 8.38
N GLY A 15 -10.23 4.91 8.50
CA GLY A 15 -11.26 4.77 9.52
C GLY A 15 -10.74 5.01 10.93
N LEU A 16 -9.62 4.38 11.27
CA LEU A 16 -9.06 4.52 12.60
C LEU A 16 -8.70 5.94 12.93
N THR A 17 -8.14 6.64 11.95
CA THR A 17 -7.70 8.00 12.17
C THR A 17 -8.89 8.91 12.43
N VAL A 18 -9.92 8.77 11.60
N VAL A 18 -9.93 8.76 11.64
CA VAL A 18 -11.12 9.58 11.76
CA VAL A 18 -11.08 9.63 11.81
C VAL A 18 -11.81 9.30 13.11
C VAL A 18 -11.84 9.31 13.12
N ALA A 19 -11.92 8.03 13.47
CA ALA A 19 -12.50 7.61 14.75
C ALA A 19 -11.70 8.13 15.95
N GLU A 20 -10.39 7.93 15.92
CA GLU A 20 -9.55 8.41 17.01
C GLU A 20 -9.59 9.95 17.17
N ARG A 21 -9.60 10.71 16.08
CA ARG A 21 -9.70 12.17 16.17
C ARG A 21 -11.07 12.64 16.72
N ALA A 22 -12.16 12.06 16.24
CA ALA A 22 -13.47 12.41 16.77
C ALA A 22 -13.53 12.08 18.27
N ALA A 23 -13.00 10.93 18.65
CA ALA A 23 -13.05 10.48 20.03
C ALA A 23 -12.18 11.33 20.96
N SER A 24 -10.95 11.63 20.55
CA SER A 24 -10.02 12.31 21.46
C SER A 24 -10.06 13.82 21.38
N GLN A 25 -10.37 14.37 20.20
CA GLN A 25 -10.33 15.82 20.00
C GLN A 25 -11.70 16.46 20.18
N LEU A 26 -12.74 15.74 19.80
CA LEU A 26 -14.08 16.27 19.93
C LEU A 26 -14.84 15.64 21.10
N GLY A 27 -14.25 14.62 21.73
CA GLY A 27 -14.92 13.92 22.82
C GLY A 27 -16.20 13.20 22.40
N LYS A 28 -16.29 12.79 21.14
CA LYS A 28 -17.48 12.10 20.63
C LYS A 28 -17.43 10.57 20.81
N LYS A 29 -18.61 9.96 20.97
CA LYS A 29 -18.71 8.51 20.99
C LYS A 29 -18.67 8.01 19.57
N VAL A 30 -17.78 7.06 19.30
CA VAL A 30 -17.62 6.59 17.93
C VAL A 30 -17.83 5.10 17.88
N LEU A 31 -18.69 4.68 16.97
CA LEU A 31 -18.90 3.28 16.70
C LEU A 31 -18.19 2.89 15.39
N ILE A 32 -17.25 1.96 15.49
CA ILE A 32 -16.54 1.45 14.33
C ILE A 32 -17.12 0.10 13.95
N VAL A 33 -17.55 -0.04 12.70
CA VAL A 33 -18.09 -1.28 12.16
C VAL A 33 -17.10 -1.87 11.18
N GLU A 34 -16.68 -3.11 11.41
CA GLU A 34 -15.61 -3.72 10.62
C GLU A 34 -16.04 -5.11 10.20
N LYS A 35 -15.99 -5.38 8.90
CA LYS A 35 -16.44 -6.64 8.32
C LYS A 35 -15.55 -7.83 8.70
N ARG A 36 -14.24 -7.62 8.74
CA ARG A 36 -13.29 -8.69 9.06
C ARG A 36 -13.26 -9.02 10.55
N SER A 37 -12.51 -10.05 10.91
N SER A 37 -12.52 -10.06 10.89
CA SER A 37 -12.42 -10.48 12.30
CA SER A 37 -12.38 -10.52 12.26
C SER A 37 -11.32 -9.76 13.07
C SER A 37 -11.35 -9.73 13.07
N HIS A 38 -10.75 -8.72 12.46
CA HIS A 38 -9.70 -7.93 13.12
C HIS A 38 -9.74 -6.46 12.68
N LEU A 39 -9.09 -5.60 13.46
CA LEU A 39 -8.86 -4.18 13.14
C LEU A 39 -7.72 -3.99 12.14
N GLY A 40 -7.63 -2.81 11.54
CA GLY A 40 -6.43 -2.42 10.82
C GLY A 40 -6.49 -2.48 9.31
N GLY A 41 -7.52 -3.12 8.75
CA GLY A 41 -7.59 -3.25 7.31
C GLY A 41 -6.40 -4.05 6.80
N ASN A 42 -5.85 -3.68 5.66
CA ASN A 42 -4.76 -4.47 5.07
C ASN A 42 -3.40 -4.28 5.78
N ALA A 43 -3.26 -3.25 6.60
CA ALA A 43 -2.00 -3.03 7.33
C ALA A 43 -1.84 -4.01 8.51
N TYR A 44 -2.91 -4.71 8.85
CA TYR A 44 -2.89 -5.66 9.96
C TYR A 44 -1.85 -6.77 9.76
N SER A 45 -1.14 -7.10 10.83
CA SER A 45 -0.13 -8.15 10.79
C SER A 45 -0.37 -9.13 11.93
N GLU A 46 0.24 -10.31 11.86
CA GLU A 46 0.02 -11.32 12.87
C GLU A 46 1.23 -12.24 12.98
N ALA A 47 1.32 -12.96 14.10
CA ALA A 47 2.36 -13.95 14.27
C ALA A 47 2.05 -15.17 13.42
N GLU A 48 3.05 -15.64 12.69
CA GLU A 48 2.97 -16.93 12.05
C GLU A 48 3.08 -17.99 13.16
N PRO A 49 2.16 -18.97 13.19
CA PRO A 49 2.04 -19.89 14.33
C PRO A 49 3.28 -20.75 14.62
N GLU A 50 3.91 -21.30 13.59
CA GLU A 50 5.06 -22.18 13.81
C GLU A 50 6.31 -21.46 14.32
N THR A 51 6.56 -20.24 13.84
CA THR A 51 7.82 -19.53 14.16
C THR A 51 7.68 -18.32 15.08
N GLY A 52 6.47 -17.79 15.20
CA GLY A 52 6.25 -16.57 15.93
C GLY A 52 6.61 -15.29 15.17
N ILE A 53 7.14 -15.43 13.95
CA ILE A 53 7.57 -14.28 13.15
C ILE A 53 6.38 -13.43 12.69
N GLU A 54 6.49 -12.12 12.82
CA GLU A 54 5.44 -11.23 12.38
C GLU A 54 5.36 -11.24 10.85
N ILE A 55 4.17 -11.54 10.33
CA ILE A 55 3.93 -11.60 8.90
C ILE A 55 2.69 -10.84 8.53
N HIS A 56 2.52 -10.62 7.23
CA HIS A 56 1.35 -9.98 6.66
C HIS A 56 0.59 -10.93 5.75
N LYS A 57 -0.73 -10.84 5.77
CA LYS A 57 -1.58 -11.62 4.86
C LYS A 57 -2.18 -10.77 3.73
N TYR A 58 -2.01 -9.45 3.81
CA TYR A 58 -2.52 -8.58 2.75
C TYR A 58 -1.44 -7.66 2.18
N GLY A 59 -0.23 -8.18 2.06
CA GLY A 59 0.88 -7.40 1.53
C GLY A 59 1.81 -6.90 2.62
N ALA A 60 3.10 -6.85 2.33
CA ALA A 60 4.07 -6.25 3.26
C ALA A 60 3.82 -4.74 3.35
N HIS A 61 3.94 -4.19 4.55
CA HIS A 61 3.67 -2.76 4.76
C HIS A 61 4.91 -2.07 5.29
N LEU A 62 5.39 -1.08 4.54
CA LEU A 62 6.55 -0.29 4.95
C LEU A 62 6.08 1.13 5.21
N PHE A 63 6.39 1.66 6.38
CA PHE A 63 5.92 3.01 6.70
C PHE A 63 7.02 4.04 6.40
N HIS A 64 6.66 5.10 5.69
CA HIS A 64 7.60 6.17 5.32
C HIS A 64 6.81 7.43 5.02
N THR A 65 7.30 8.58 5.45
CA THR A 65 6.63 9.82 5.11
C THR A 65 7.57 11.01 5.28
N SER A 66 7.26 12.08 4.55
CA SER A 66 7.93 13.37 4.74
C SER A 66 6.99 14.38 5.36
N ASN A 67 5.79 13.90 5.73
CA ASN A 67 4.76 14.75 6.32
C ASN A 67 4.90 14.74 7.85
N LYS A 68 5.44 15.82 8.42
CA LYS A 68 5.77 15.84 9.84
C LYS A 68 4.54 15.71 10.74
N ARG A 69 3.45 16.34 10.33
CA ARG A 69 2.20 16.24 11.08
C ARG A 69 1.78 14.77 11.19
N VAL A 70 1.85 14.03 10.08
CA VAL A 70 1.49 12.61 10.09
C VAL A 70 2.45 11.80 10.96
N TRP A 71 3.75 12.07 10.84
CA TRP A 71 4.75 11.40 11.65
C TRP A 71 4.53 11.62 13.16
N ASP A 72 4.28 12.87 13.56
CA ASP A 72 4.06 13.17 14.98
C ASP A 72 2.78 12.46 15.43
N TYR A 73 1.75 12.49 14.58
CA TYR A 73 0.49 11.80 14.90
C TYR A 73 0.71 10.30 15.17
N VAL A 74 1.41 9.59 14.28
CA VAL A 74 1.44 8.12 14.44
C VAL A 74 2.30 7.74 15.61
N ASN A 75 3.26 8.60 15.96
CA ASN A 75 4.11 8.31 17.08
C ASN A 75 3.42 8.47 18.44
N GLN A 76 2.18 8.98 18.44
CA GLN A 76 1.39 8.94 19.67
C GLN A 76 0.95 7.52 19.98
N PHE A 77 0.93 6.67 18.98
CA PHE A 77 0.30 5.36 19.10
C PHE A 77 1.24 4.18 19.04
N THR A 78 2.45 4.41 18.52
CA THR A 78 3.48 3.38 18.50
C THR A 78 4.81 4.06 18.35
N ALA A 79 5.86 3.42 18.84
CA ALA A 79 7.22 3.83 18.49
C ALA A 79 7.59 3.09 17.20
N PHE A 80 8.59 3.62 16.49
CA PHE A 80 9.09 3.01 15.25
C PHE A 80 10.56 2.63 15.38
N THR A 81 10.92 1.51 14.76
CA THR A 81 12.32 1.13 14.66
C THR A 81 13.05 2.04 13.67
N GLY A 82 14.37 1.94 13.62
CA GLY A 82 15.16 2.69 12.64
C GLY A 82 15.32 1.91 11.34
N TYR A 83 14.44 0.95 11.09
CA TYR A 83 14.45 0.20 9.83
C TYR A 83 14.48 1.12 8.59
N GLN A 84 15.37 0.80 7.67
CA GLN A 84 15.45 1.48 6.40
C GLN A 84 15.27 0.43 5.30
N HIS A 85 14.24 0.61 4.48
CA HIS A 85 13.97 -0.36 3.42
C HIS A 85 15.03 -0.29 2.33
N ARG A 86 15.58 -1.45 2.01
CA ARG A 86 16.47 -1.65 0.87
C ARG A 86 15.98 -2.88 0.09
N VAL A 87 16.10 -2.82 -1.23
CA VAL A 87 15.61 -3.87 -2.11
C VAL A 87 16.77 -4.33 -3.00
N PHE A 88 16.78 -5.62 -3.36
CA PHE A 88 17.71 -6.17 -4.35
C PHE A 88 16.92 -6.74 -5.52
N ALA A 89 17.51 -6.76 -6.71
CA ALA A 89 16.79 -7.21 -7.90
C ALA A 89 17.50 -8.43 -8.53
N MET A 90 16.83 -9.57 -8.55
CA MET A 90 17.40 -10.79 -9.13
C MET A 90 17.21 -10.79 -10.64
N HIS A 91 18.31 -10.74 -11.38
CA HIS A 91 18.23 -10.83 -12.83
C HIS A 91 19.29 -11.78 -13.37
N ASN A 92 18.83 -12.82 -14.07
CA ASN A 92 19.73 -13.79 -14.71
C ASN A 92 20.75 -14.40 -13.75
N GLY A 93 20.28 -14.83 -12.58
CA GLY A 93 21.14 -15.46 -11.60
C GLY A 93 22.01 -14.58 -10.71
N THR A 94 21.90 -13.26 -10.86
CA THR A 94 22.66 -12.33 -10.02
C THR A 94 21.75 -11.36 -9.26
N ALA A 95 22.07 -11.14 -7.99
CA ALA A 95 21.36 -10.15 -7.17
C ALA A 95 21.99 -8.77 -7.39
N TYR A 96 21.25 -7.88 -8.04
CA TYR A 96 21.72 -6.50 -8.27
C TYR A 96 21.28 -5.56 -7.15
N GLN A 97 22.18 -4.66 -6.77
CA GLN A 97 21.83 -3.48 -6.01
C GLN A 97 20.73 -2.74 -6.76
N PHE A 98 19.85 -2.13 -5.99
CA PHE A 98 18.62 -1.57 -6.54
C PHE A 98 18.15 -0.44 -5.62
N PRO A 99 17.46 0.59 -6.14
CA PRO A 99 17.14 0.92 -7.53
C PRO A 99 18.38 1.23 -8.36
N MET A 100 18.17 1.56 -9.63
CA MET A 100 19.29 1.79 -10.54
C MET A 100 20.14 2.94 -10.06
N GLY A 101 21.43 2.68 -9.93
CA GLY A 101 22.37 3.65 -9.43
C GLY A 101 23.76 3.17 -9.76
N LEU A 102 24.79 3.80 -9.20
CA LEU A 102 26.16 3.43 -9.53
C LEU A 102 26.48 1.97 -9.25
N GLY A 103 25.79 1.39 -8.26
CA GLY A 103 26.00 0.00 -7.90
C GLY A 103 25.53 -0.94 -8.98
N LEU A 104 24.25 -0.83 -9.34
CA LEU A 104 23.69 -1.66 -10.40
C LEU A 104 24.46 -1.46 -11.70
N ILE A 105 24.75 -0.20 -12.03
CA ILE A 105 25.46 0.14 -13.26
C ILE A 105 26.82 -0.54 -13.33
N ASN A 106 27.54 -0.57 -12.22
CA ASN A 106 28.82 -1.27 -12.17
C ASN A 106 28.63 -2.75 -12.40
N GLN A 107 27.66 -3.35 -11.71
CA GLN A 107 27.45 -4.78 -11.79
C GLN A 107 26.99 -5.21 -13.19
N PHE A 108 26.18 -4.36 -13.81
CA PHE A 108 25.52 -4.73 -15.05
C PHE A 108 26.40 -4.42 -16.28
N PHE A 109 27.03 -3.25 -16.30
CA PHE A 109 27.88 -2.87 -17.44
C PHE A 109 29.34 -3.30 -17.26
N GLY A 110 29.65 -3.87 -16.09
CA GLY A 110 30.90 -4.60 -15.93
C GLY A 110 32.11 -3.92 -15.32
N ARG A 111 32.03 -2.61 -15.11
CA ARG A 111 33.10 -1.89 -14.41
C ARG A 111 32.56 -0.61 -13.78
N TYR A 112 33.36 0.01 -12.90
CA TYR A 112 32.94 1.23 -12.19
C TYR A 112 32.80 2.47 -13.09
N TYR A 113 31.61 3.08 -13.04
CA TYR A 113 31.37 4.40 -13.60
C TYR A 113 31.24 5.42 -12.47
N THR A 114 32.00 6.50 -12.58
CA THR A 114 31.87 7.67 -11.72
C THR A 114 30.49 8.29 -11.95
N PRO A 115 30.05 9.15 -11.01
CA PRO A 115 28.79 9.86 -11.23
C PRO A 115 28.71 10.51 -12.62
N ASP A 116 29.74 11.26 -13.01
CA ASP A 116 29.71 11.95 -14.30
C ASP A 116 29.77 10.99 -15.49
N GLU A 117 30.58 9.94 -15.38
CA GLU A 117 30.61 8.88 -16.39
C GLU A 117 29.28 8.15 -16.50
N ALA A 118 28.63 7.90 -15.38
CA ALA A 118 27.35 7.21 -15.44
C ALA A 118 26.31 8.10 -16.13
N ARG A 119 26.32 9.40 -15.82
CA ARG A 119 25.41 10.33 -16.49
C ARG A 119 25.62 10.28 -18.00
N GLU A 120 26.87 10.22 -18.43
CA GLU A 120 27.19 10.16 -19.85
C GLU A 120 26.75 8.83 -20.46
N LEU A 121 26.96 7.72 -19.75
CA LEU A 121 26.48 6.41 -20.18
C LEU A 121 24.97 6.41 -20.42
N ILE A 122 24.23 6.99 -19.48
CA ILE A 122 22.78 6.99 -19.59
C ILE A 122 22.29 7.87 -20.77
N LYS A 123 22.99 8.99 -20.99
CA LYS A 123 22.72 9.81 -22.16
C LYS A 123 22.87 9.00 -23.46
N GLU A 124 24.00 8.30 -23.59
CA GLU A 124 24.23 7.41 -24.74
C GLU A 124 23.15 6.34 -24.87
N GLN A 125 22.88 5.61 -23.79
CA GLN A 125 21.96 4.48 -23.84
C GLN A 125 20.55 4.88 -24.23
N SER A 126 20.12 6.05 -23.75
CA SER A 126 18.74 6.50 -23.93
C SER A 126 18.57 7.45 -25.11
N ALA A 127 19.63 7.58 -25.91
CA ALA A 127 19.60 8.50 -27.05
C ALA A 127 18.58 8.07 -28.11
N GLU A 128 18.34 6.76 -28.15
CA GLU A 128 17.49 6.14 -29.16
C GLU A 128 16.10 6.77 -29.33
N ILE A 129 15.41 7.02 -28.22
CA ILE A 129 14.08 7.60 -28.30
C ILE A 129 13.99 8.87 -27.46
N ASP A 130 13.36 9.90 -27.98
CA ASP A 130 13.08 11.07 -27.17
C ASP A 130 11.79 10.83 -26.41
N SER A 131 11.79 11.14 -25.11
CA SER A 131 10.64 10.89 -24.28
C SER A 131 9.42 11.68 -24.77
N LYS A 132 9.66 12.79 -25.44
CA LYS A 132 8.56 13.55 -26.01
C LYS A 132 7.89 12.79 -27.18
N ASP A 133 8.57 11.77 -27.70
CA ASP A 133 8.05 10.98 -28.83
C ASP A 133 7.51 9.62 -28.43
N ALA A 134 7.61 9.29 -27.14
CA ALA A 134 7.20 7.97 -26.66
C ALA A 134 5.69 7.83 -26.70
N THR A 135 5.22 6.67 -27.18
CA THR A 135 3.78 6.44 -27.31
C THR A 135 3.24 5.42 -26.31
N ASN A 136 4.13 4.76 -25.57
CA ASN A 136 3.73 3.78 -24.55
C ASN A 136 4.80 3.63 -23.46
N LEU A 137 4.55 2.75 -22.50
CA LEU A 137 5.45 2.57 -21.36
C LEU A 137 6.81 2.10 -21.80
N GLU A 138 6.83 1.08 -22.66
CA GLU A 138 8.09 0.55 -23.15
C GLU A 138 8.97 1.62 -23.79
N GLU A 139 8.40 2.44 -24.67
CA GLU A 139 9.16 3.48 -25.35
C GLU A 139 9.61 4.56 -24.38
N LYS A 140 8.72 4.94 -23.47
CA LYS A 140 9.03 5.96 -22.48
C LYS A 140 10.19 5.50 -21.59
N ALA A 141 10.13 4.26 -21.13
CA ALA A 141 11.22 3.66 -20.35
C ALA A 141 12.54 3.70 -21.10
N ILE A 142 12.53 3.21 -22.35
CA ILE A 142 13.74 3.18 -23.17
C ILE A 142 14.28 4.59 -23.43
N SER A 143 13.38 5.54 -23.65
CA SER A 143 13.77 6.92 -23.89
C SER A 143 14.49 7.52 -22.69
N LEU A 144 14.32 6.92 -21.51
CA LEU A 144 14.95 7.45 -20.29
C LEU A 144 16.23 6.71 -19.91
N ILE A 145 16.25 5.38 -20.06
CA ILE A 145 17.40 4.59 -19.58
C ILE A 145 18.04 3.63 -20.56
N GLY A 146 17.46 3.50 -21.75
CA GLY A 146 18.04 2.65 -22.78
C GLY A 146 17.45 1.26 -22.79
N ARG A 147 17.65 0.52 -23.88
CA ARG A 147 17.13 -0.83 -24.02
C ARG A 147 17.74 -1.90 -23.11
N PRO A 148 19.08 -1.92 -22.96
CA PRO A 148 19.61 -2.96 -22.08
C PRO A 148 19.05 -2.89 -20.63
N LEU A 149 19.08 -1.73 -20.01
CA LEU A 149 18.54 -1.58 -18.66
C LEU A 149 17.05 -1.89 -18.64
N TYR A 150 16.31 -1.34 -19.61
CA TYR A 150 14.88 -1.57 -19.67
C TYR A 150 14.53 -3.06 -19.75
N GLU A 151 15.21 -3.78 -20.64
CA GLU A 151 14.87 -5.18 -20.88
C GLU A 151 15.30 -6.11 -19.75
N ALA A 152 16.31 -5.69 -18.99
CA ALA A 152 16.80 -6.49 -17.88
C ALA A 152 15.98 -6.30 -16.60
N PHE A 153 15.58 -5.07 -16.30
CA PHE A 153 15.02 -4.76 -14.98
C PHE A 153 13.59 -4.22 -14.98
N ILE A 154 13.08 -3.83 -16.12
CA ILE A 154 11.76 -3.22 -16.15
C ILE A 154 10.71 -4.04 -16.89
N ARG A 155 11.08 -4.59 -18.06
CA ARG A 155 10.10 -5.18 -18.97
C ARG A 155 9.29 -6.33 -18.35
N ASP A 156 9.95 -7.39 -17.91
CA ASP A 156 9.24 -8.57 -17.41
C ASP A 156 8.57 -8.32 -16.07
N TYR A 157 9.25 -7.56 -15.21
CA TYR A 157 8.67 -7.25 -13.90
C TYR A 157 7.36 -6.52 -14.11
N THR A 158 7.40 -5.49 -14.96
CA THR A 158 6.21 -4.70 -15.24
C THR A 158 5.10 -5.55 -15.88
N ALA A 159 5.50 -6.41 -16.82
CA ALA A 159 4.56 -7.31 -17.47
C ALA A 159 3.92 -8.27 -16.46
N LYS A 160 4.70 -8.76 -15.50
CA LYS A 160 4.13 -9.62 -14.45
C LYS A 160 3.15 -8.86 -13.53
N GLN A 161 3.48 -7.61 -13.22
CA GLN A 161 2.66 -6.83 -12.31
C GLN A 161 1.33 -6.40 -12.93
N TRP A 162 1.38 -5.94 -14.18
CA TRP A 162 0.20 -5.40 -14.83
C TRP A 162 -0.53 -6.43 -15.68
N GLN A 163 0.04 -7.63 -15.82
CA GLN A 163 -0.51 -8.66 -16.70
C GLN A 163 -0.75 -8.16 -18.11
N THR A 164 0.12 -7.26 -18.57
CA THR A 164 -0.01 -6.58 -19.86
C THR A 164 1.35 -6.41 -20.49
N ASP A 165 1.43 -6.48 -21.82
CA ASP A 165 2.66 -6.10 -22.50
C ASP A 165 2.88 -4.61 -22.29
N PRO A 166 4.12 -4.23 -21.94
CA PRO A 166 4.44 -2.81 -21.70
C PRO A 166 4.22 -1.94 -22.94
N LYS A 167 4.24 -2.53 -24.13
CA LYS A 167 3.91 -1.79 -25.34
C LYS A 167 2.47 -1.26 -25.30
N GLU A 168 1.67 -1.79 -24.38
CA GLU A 168 0.26 -1.48 -24.28
C GLU A 168 -0.09 -0.73 -23.00
N LEU A 169 0.91 -0.11 -22.38
CA LEU A 169 0.67 0.65 -21.16
C LEU A 169 0.93 2.13 -21.43
N PRO A 170 0.38 3.04 -20.59
CA PRO A 170 0.52 4.47 -20.89
C PRO A 170 1.95 4.96 -20.73
N ALA A 171 2.42 5.80 -21.65
CA ALA A 171 3.72 6.44 -21.49
C ALA A 171 3.74 7.26 -20.20
N GLY A 172 2.56 7.68 -19.76
CA GLY A 172 2.41 8.44 -18.52
C GLY A 172 2.63 7.65 -17.25
N ASN A 173 2.86 6.34 -17.35
CA ASN A 173 3.16 5.53 -16.17
C ASN A 173 4.59 5.72 -15.70
N ILE A 174 5.45 6.29 -16.54
CA ILE A 174 6.79 6.68 -16.09
C ILE A 174 6.97 8.19 -16.22
N THR A 175 7.30 8.87 -15.13
CA THR A 175 7.31 10.32 -15.15
C THR A 175 8.66 10.92 -14.77
N ARG A 176 9.62 10.10 -14.38
CA ARG A 176 10.96 10.62 -14.09
C ARG A 176 12.06 9.58 -14.28
N LEU A 177 13.30 10.08 -14.38
CA LEU A 177 14.48 9.25 -14.51
C LEU A 177 14.61 8.27 -13.33
N PRO A 178 14.51 6.98 -13.61
CA PRO A 178 14.66 6.07 -12.47
C PRO A 178 16.12 5.74 -12.12
N VAL A 179 17.05 6.67 -12.29
CA VAL A 179 18.47 6.38 -12.06
C VAL A 179 19.18 7.34 -11.11
N ARG A 180 19.86 6.81 -10.09
CA ARG A 180 20.63 7.65 -9.18
C ARG A 180 22.09 7.68 -9.59
N TYR A 181 22.72 8.84 -9.53
CA TYR A 181 24.11 8.92 -9.93
C TYR A 181 25.03 8.91 -8.72
N ASN A 182 24.64 8.11 -7.73
CA ASN A 182 25.51 7.84 -6.60
C ASN A 182 25.30 6.40 -6.11
N PHE A 183 25.88 6.05 -4.97
CA PHE A 183 25.74 4.69 -4.45
C PHE A 183 24.63 4.54 -3.40
N ASP A 184 23.74 5.52 -3.33
CA ASP A 184 22.68 5.50 -2.31
C ASP A 184 21.61 4.50 -2.71
N ASN A 185 21.49 3.40 -1.97
CA ASN A 185 20.41 2.47 -2.28
C ASN A 185 19.31 2.40 -1.20
N ARG A 186 19.13 3.46 -0.43
CA ARG A 186 17.88 3.62 0.34
C ARG A 186 16.72 3.54 -0.62
N TYR A 187 15.78 2.64 -0.41
CA TYR A 187 14.67 2.53 -1.34
C TYR A 187 13.72 3.75 -1.35
N PHE A 188 13.33 4.25 -0.18
CA PHE A 188 12.44 5.41 -0.09
C PHE A 188 13.24 6.69 0.12
N ASN A 189 12.67 7.81 -0.30
CA ASN A 189 13.33 9.12 -0.21
C ASN A 189 12.74 9.99 0.89
N ASP A 190 11.92 9.43 1.78
CA ASP A 190 11.21 10.27 2.73
C ASP A 190 11.99 10.57 4.00
N THR A 191 11.68 11.71 4.60
CA THR A 191 12.32 12.14 5.84
C THR A 191 12.19 11.13 6.98
N TYR A 192 10.99 10.57 7.16
CA TYR A 192 10.76 9.67 8.30
C TYR A 192 10.43 8.28 7.80
N GLU A 193 10.95 7.27 8.49
CA GLU A 193 10.75 5.90 8.06
C GLU A 193 10.95 4.95 9.23
N GLY A 194 10.16 3.88 9.29
CA GLY A 194 10.45 2.82 10.25
C GLY A 194 9.36 1.79 10.27
N LEU A 195 9.48 0.80 11.15
CA LEU A 195 8.39 -0.15 11.35
C LEU A 195 7.92 -0.07 12.82
N PRO A 196 6.61 -0.29 13.06
CA PRO A 196 6.12 -0.26 14.44
C PRO A 196 6.90 -1.25 15.32
N VAL A 197 7.45 -0.78 16.43
CA VAL A 197 8.28 -1.62 17.29
C VAL A 197 7.57 -2.91 17.74
N ASP A 198 6.28 -2.82 18.09
CA ASP A 198 5.56 -4.01 18.56
C ASP A 198 4.61 -4.56 17.51
N GLY A 199 4.85 -4.22 16.24
CA GLY A 199 4.06 -4.75 15.15
C GLY A 199 2.85 -3.89 14.80
N TYR A 200 2.30 -4.10 13.61
CA TYR A 200 1.18 -3.31 13.14
C TYR A 200 -0.09 -3.56 13.97
N ALA A 201 -0.34 -4.82 14.34
CA ALA A 201 -1.57 -5.15 15.08
C ALA A 201 -1.64 -4.35 16.37
N GLN A 202 -0.53 -4.28 17.09
CA GLN A 202 -0.49 -3.51 18.33
C GLN A 202 -0.67 -2.01 18.08
N TRP A 203 -0.01 -1.48 17.05
CA TRP A 203 -0.17 -0.07 16.69
C TRP A 203 -1.65 0.25 16.41
N LEU A 204 -2.25 -0.52 15.53
CA LEU A 204 -3.58 -0.20 15.04
C LEU A 204 -4.62 -0.40 16.15
N SER A 205 -4.38 -1.41 16.99
CA SER A 205 -5.22 -1.64 18.15
C SER A 205 -5.14 -0.45 19.12
N ASN A 206 -3.95 0.12 19.29
CA ASN A 206 -3.79 1.30 20.13
C ASN A 206 -4.59 2.49 19.63
N MET A 207 -4.72 2.64 18.31
CA MET A 207 -5.49 3.75 17.77
C MET A 207 -6.96 3.65 18.17
N ALA A 208 -7.48 2.42 18.14
CA ALA A 208 -8.89 2.20 18.49
C ALA A 208 -9.12 2.09 20.00
N ASP A 209 -8.05 2.10 20.77
CA ASP A 209 -8.17 1.91 22.21
C ASP A 209 -8.41 3.26 22.89
N HIS A 210 -9.68 3.60 23.05
CA HIS A 210 -10.10 4.89 23.62
C HIS A 210 -11.45 4.70 24.30
N GLU A 211 -11.64 5.34 25.45
CA GLU A 211 -12.88 5.21 26.20
C GLU A 211 -14.10 5.57 25.35
N ASN A 212 -13.92 6.43 24.33
CA ASN A 212 -15.03 6.86 23.48
C ASN A 212 -15.25 6.02 22.21
N ILE A 213 -14.46 4.96 22.04
CA ILE A 213 -14.56 4.19 20.82
C ILE A 213 -15.07 2.80 21.07
N GLU A 214 -16.11 2.42 20.33
CA GLU A 214 -16.62 1.06 20.35
C GLU A 214 -16.33 0.39 19.02
N VAL A 215 -15.82 -0.84 19.07
CA VAL A 215 -15.52 -1.59 17.85
C VAL A 215 -16.38 -2.84 17.73
N ARG A 216 -17.06 -2.99 16.60
CA ARG A 216 -17.75 -4.24 16.28
C ARG A 216 -17.15 -4.92 15.06
N LEU A 217 -16.41 -5.98 15.32
CA LEU A 217 -15.81 -6.82 14.30
C LEU A 217 -16.83 -7.80 13.73
N ASP A 218 -16.45 -8.49 12.66
CA ASP A 218 -17.32 -9.45 11.97
C ASP A 218 -18.71 -8.87 11.67
N THR A 219 -18.75 -7.60 11.28
CA THR A 219 -20.00 -6.90 11.07
C THR A 219 -19.99 -6.15 9.73
N ASP A 220 -20.85 -6.55 8.80
CA ASP A 220 -21.01 -5.87 7.52
C ASP A 220 -21.94 -4.67 7.66
N TRP A 221 -21.46 -3.48 7.33
CA TRP A 221 -22.31 -2.27 7.35
C TRP A 221 -23.69 -2.47 6.72
N PHE A 222 -23.74 -3.15 5.57
CA PHE A 222 -24.98 -3.24 4.81
C PHE A 222 -25.99 -4.16 5.47
N GLU A 223 -25.52 -5.05 6.32
CA GLU A 223 -26.40 -5.87 7.12
C GLU A 223 -26.93 -5.21 8.38
N VAL A 224 -26.25 -4.19 8.91
CA VAL A 224 -26.71 -3.58 10.16
C VAL A 224 -27.13 -2.11 10.03
N ARG A 225 -27.01 -1.52 8.84
CA ARG A 225 -27.13 -0.06 8.79
C ARG A 225 -28.51 0.50 9.14
N GLU A 226 -29.58 -0.19 8.79
CA GLU A 226 -30.89 0.39 9.06
C GLU A 226 -31.13 0.43 10.57
N ASP A 227 -30.74 -0.64 11.24
CA ASP A 227 -30.84 -0.68 12.70
C ASP A 227 -29.95 0.38 13.38
N LEU A 228 -28.69 0.48 12.98
CA LEU A 228 -27.78 1.41 13.65
C LEU A 228 -28.25 2.85 13.50
N ARG A 229 -28.56 3.25 12.28
CA ARG A 229 -28.95 4.64 12.07
C ARG A 229 -30.30 4.96 12.73
N ALA A 230 -31.18 3.97 12.86
CA ALA A 230 -32.44 4.20 13.58
C ALA A 230 -32.22 4.52 15.06
N GLN A 231 -31.09 4.10 15.63
CA GLN A 231 -30.78 4.40 17.03
C GLN A 231 -30.42 5.86 17.24
N ASN A 232 -29.80 6.46 16.22
CA ASN A 232 -29.42 7.86 16.24
C ASN A 232 -29.30 8.39 14.80
N PRO A 233 -30.43 8.83 14.22
CA PRO A 233 -30.53 9.27 12.83
C PRO A 233 -29.61 10.43 12.47
N GLU A 234 -29.28 11.29 13.43
CA GLU A 234 -28.44 12.46 13.19
C GLU A 234 -26.94 12.15 13.13
N ALA A 235 -26.54 10.96 13.55
CA ALA A 235 -25.12 10.61 13.53
C ALA A 235 -24.64 10.42 12.09
N PRO A 236 -23.60 11.18 11.70
CA PRO A 236 -22.99 11.01 10.39
C PRO A 236 -22.28 9.67 10.31
N VAL A 237 -22.09 9.21 9.09
CA VAL A 237 -21.37 8.00 8.78
C VAL A 237 -20.12 8.33 7.96
N VAL A 238 -18.96 7.79 8.33
CA VAL A 238 -17.82 7.84 7.45
C VAL A 238 -17.64 6.45 6.87
N TYR A 239 -17.83 6.33 5.56
CA TYR A 239 -17.83 5.04 4.90
C TYR A 239 -16.51 4.84 4.15
N THR A 240 -15.76 3.78 4.47
CA THR A 240 -14.51 3.48 3.75
C THR A 240 -14.61 2.14 3.02
N GLY A 241 -15.83 1.62 2.90
CA GLY A 241 -16.07 0.42 2.10
C GLY A 241 -16.03 0.71 0.61
N PRO A 242 -16.31 -0.31 -0.23
CA PRO A 242 -16.27 -0.11 -1.68
C PRO A 242 -17.34 0.86 -2.16
N LEU A 243 -16.90 1.83 -2.95
CA LEU A 243 -17.74 2.87 -3.51
C LEU A 243 -18.85 2.34 -4.42
N ASP A 244 -18.50 1.45 -5.35
CA ASP A 244 -19.47 0.95 -6.30
C ASP A 244 -20.49 0.04 -5.62
N ARG A 245 -20.03 -0.79 -4.69
CA ARG A 245 -20.92 -1.66 -3.93
C ARG A 245 -21.93 -0.86 -3.11
N TYR A 246 -21.52 0.30 -2.59
CA TYR A 246 -22.42 1.14 -1.82
C TYR A 246 -23.66 1.53 -2.64
N PHE A 247 -23.45 1.81 -3.93
CA PHE A 247 -24.54 2.19 -4.81
C PHE A 247 -24.97 1.05 -5.71
N ASP A 248 -24.89 -0.16 -5.15
CA ASP A 248 -25.43 -1.39 -5.75
C ASP A 248 -24.99 -1.61 -7.19
N TYR A 249 -23.76 -1.19 -7.48
CA TYR A 249 -23.14 -1.33 -8.79
C TYR A 249 -24.02 -0.74 -9.89
N SER A 250 -24.81 0.27 -9.55
CA SER A 250 -25.75 0.87 -10.49
C SER A 250 -25.06 1.51 -11.70
N GLU A 251 -23.74 1.72 -11.60
CA GLU A 251 -23.00 2.34 -12.69
C GLU A 251 -21.91 1.40 -13.23
N GLY A 252 -21.95 0.14 -12.78
CA GLY A 252 -20.96 -0.83 -13.17
C GLY A 252 -19.99 -1.22 -12.07
N HIS A 253 -19.23 -2.29 -12.32
CA HIS A 253 -18.19 -2.73 -11.41
C HIS A 253 -16.85 -2.06 -11.69
N LEU A 254 -16.32 -1.35 -10.69
CA LEU A 254 -14.99 -0.77 -10.80
C LEU A 254 -13.96 -1.89 -10.84
N GLY A 255 -12.95 -1.72 -11.69
CA GLY A 255 -11.92 -2.75 -11.88
C GLY A 255 -10.71 -2.62 -10.98
N TRP A 256 -10.32 -3.74 -10.37
CA TRP A 256 -9.19 -3.77 -9.46
C TRP A 256 -8.20 -4.86 -9.82
N ARG A 257 -6.95 -4.66 -9.43
CA ARG A 257 -5.99 -5.73 -9.42
C ARG A 257 -5.91 -6.35 -8.04
N THR A 258 -5.62 -7.64 -7.98
CA THR A 258 -5.46 -8.34 -6.72
C THR A 258 -4.08 -8.98 -6.65
N LEU A 259 -3.78 -9.60 -5.52
CA LEU A 259 -2.50 -10.28 -5.35
C LEU A 259 -2.74 -11.64 -4.70
N ASP A 260 -1.96 -12.63 -5.09
CA ASP A 260 -1.94 -13.92 -4.42
C ASP A 260 -0.65 -14.05 -3.64
N PHE A 261 -0.76 -14.51 -2.40
CA PHE A 261 0.43 -14.68 -1.57
C PHE A 261 0.60 -16.15 -1.24
N GLU A 262 1.77 -16.66 -1.55
CA GLU A 262 2.12 -18.02 -1.26
C GLU A 262 3.15 -17.97 -0.14
N THR A 263 2.70 -18.31 1.06
CA THR A 263 3.54 -18.18 2.25
C THR A 263 4.02 -19.54 2.75
N GLU A 264 5.34 -19.69 2.91
CA GLU A 264 5.95 -20.95 3.31
C GLU A 264 6.91 -20.82 4.49
N VAL A 265 6.88 -21.79 5.40
CA VAL A 265 7.91 -21.92 6.43
C VAL A 265 8.99 -22.88 5.94
N LEU A 266 10.22 -22.39 5.90
CA LEU A 266 11.34 -23.18 5.41
C LEU A 266 12.23 -23.62 6.57
N ASN A 267 12.89 -24.76 6.42
CA ASN A 267 13.77 -25.26 7.48
C ASN A 267 15.19 -24.76 7.28
N THR A 268 15.32 -23.44 7.28
CA THR A 268 16.59 -22.77 7.32
C THR A 268 16.37 -21.46 8.08
N GLY A 269 17.41 -20.98 8.74
CA GLY A 269 17.33 -19.71 9.45
C GLY A 269 17.29 -18.51 8.51
N ASP A 270 17.75 -18.68 7.28
CA ASP A 270 17.89 -17.52 6.38
C ASP A 270 17.83 -17.91 4.92
N PHE A 271 16.77 -17.49 4.24
CA PHE A 271 16.52 -17.86 2.85
C PHE A 271 17.26 -17.01 1.81
N GLN A 272 17.26 -15.68 2.00
CA GLN A 272 17.83 -14.78 1.00
C GLN A 272 18.67 -13.63 1.60
N GLY A 273 18.71 -13.54 2.92
CA GLY A 273 19.63 -12.61 3.58
C GLY A 273 19.25 -11.13 3.45
N THR A 274 17.98 -10.88 3.17
CA THR A 274 17.48 -9.52 2.95
C THR A 274 15.95 -9.59 2.92
N PRO A 275 15.26 -8.49 3.29
CA PRO A 275 13.79 -8.59 3.40
C PRO A 275 13.08 -8.82 2.07
N VAL A 276 13.55 -8.19 1.01
CA VAL A 276 12.82 -8.25 -0.25
C VAL A 276 13.77 -8.43 -1.44
N MET A 277 13.48 -9.47 -2.22
CA MET A 277 14.21 -9.74 -3.45
C MET A 277 13.23 -9.66 -4.62
N ASN A 278 13.40 -8.69 -5.52
CA ASN A 278 12.56 -8.62 -6.71
C ASN A 278 13.03 -9.72 -7.68
N TYR A 279 12.10 -10.32 -8.41
CA TYR A 279 12.47 -11.31 -9.43
C TYR A 279 12.10 -10.74 -10.78
N ASN A 280 13.08 -10.20 -11.45
CA ASN A 280 12.84 -9.41 -12.64
C ASN A 280 12.71 -10.21 -13.95
N ASP A 281 12.97 -11.52 -13.89
CA ASP A 281 12.92 -12.34 -15.11
C ASP A 281 11.56 -13.00 -15.30
N ALA A 282 11.17 -13.18 -16.56
CA ALA A 282 9.86 -13.76 -16.88
C ALA A 282 9.70 -15.21 -16.42
N GLU A 283 10.79 -15.96 -16.33
CA GLU A 283 10.76 -17.38 -15.92
C GLU A 283 10.23 -17.60 -14.50
N PHE A 284 10.23 -16.55 -13.68
CA PHE A 284 9.63 -16.64 -12.35
C PHE A 284 8.26 -16.01 -12.37
N PRO A 285 7.23 -16.77 -11.98
CA PRO A 285 5.84 -16.30 -12.05
C PRO A 285 5.58 -15.18 -11.05
N TYR A 286 6.26 -15.23 -9.90
CA TYR A 286 6.08 -14.21 -8.87
C TYR A 286 6.95 -12.96 -9.11
N THR A 287 6.50 -11.81 -8.61
CA THR A 287 7.27 -10.60 -8.81
C THR A 287 8.37 -10.42 -7.76
N ARG A 288 8.16 -10.95 -6.55
CA ARG A 288 9.18 -10.80 -5.51
C ARG A 288 8.94 -11.75 -4.36
N ILE A 289 9.99 -11.98 -3.60
CA ILE A 289 9.90 -12.77 -2.39
C ILE A 289 10.23 -11.90 -1.17
N HIS A 290 9.37 -11.98 -0.17
CA HIS A 290 9.57 -11.35 1.13
C HIS A 290 10.06 -12.37 2.15
N GLU A 291 11.04 -12.00 2.95
CA GLU A 291 11.44 -12.85 4.06
C GLU A 291 11.28 -12.05 5.34
N PHE A 292 10.23 -12.37 6.08
CA PHE A 292 9.67 -11.44 7.07
C PHE A 292 10.57 -11.17 8.26
N ARG A 293 11.43 -12.13 8.62
CA ARG A 293 12.29 -11.96 9.78
C ARG A 293 13.25 -10.76 9.61
N HIS A 294 13.65 -10.47 8.39
CA HIS A 294 14.63 -9.42 8.13
C HIS A 294 14.02 -8.02 8.24
N PHE A 295 12.70 -7.91 8.34
CA PHE A 295 12.06 -6.63 8.61
C PHE A 295 12.26 -6.22 10.06
N HIS A 296 12.52 -7.19 10.93
CA HIS A 296 12.75 -6.89 12.35
C HIS A 296 14.01 -7.55 12.90
N PRO A 297 15.19 -7.10 12.45
CA PRO A 297 16.42 -7.76 12.91
C PRO A 297 16.63 -7.54 14.41
N GLU A 298 15.95 -6.54 14.98
CA GLU A 298 16.08 -6.29 16.41
C GLU A 298 15.39 -7.40 17.24
N ARG A 299 14.63 -8.28 16.58
CA ARG A 299 13.92 -9.37 17.28
C ARG A 299 14.62 -10.72 17.14
N GLU A 300 15.89 -10.70 16.73
CA GLU A 300 16.60 -11.92 16.34
C GLU A 300 16.68 -13.02 17.40
N ASP A 301 16.67 -12.70 18.68
CA ASP A 301 16.72 -13.81 19.63
C ASP A 301 15.32 -14.23 20.08
N ARG A 302 14.29 -13.69 19.44
N ARG A 302 14.31 -13.63 19.44
CA ARG A 302 12.95 -14.23 19.61
CA ARG A 302 12.92 -14.08 19.54
C ARG A 302 12.60 -15.06 18.38
C ARG A 302 12.64 -15.05 18.41
N HIS A 303 13.36 -14.86 17.31
CA HIS A 303 13.15 -15.62 16.07
C HIS A 303 13.86 -16.97 16.13
N PRO A 304 13.31 -17.97 15.44
CA PRO A 304 13.97 -19.29 15.41
C PRO A 304 15.30 -19.26 14.66
N LYS A 305 16.26 -20.06 15.10
N LYS A 305 16.23 -20.06 15.13
CA LYS A 305 17.57 -20.06 14.45
CA LYS A 305 17.58 -20.18 14.58
C LYS A 305 17.62 -20.95 13.22
C LYS A 305 17.60 -20.93 13.25
N ASP A 306 16.61 -21.80 13.05
CA ASP A 306 16.63 -22.76 11.96
C ASP A 306 15.40 -22.74 11.07
N LYS A 307 14.50 -21.80 11.30
CA LYS A 307 13.33 -21.70 10.45
C LYS A 307 13.09 -20.27 10.00
N THR A 308 12.43 -20.10 8.87
CA THR A 308 12.13 -18.76 8.39
C THR A 308 10.86 -18.80 7.54
N VAL A 309 10.12 -17.70 7.56
CA VAL A 309 8.92 -17.56 6.75
C VAL A 309 9.17 -16.70 5.53
N ILE A 310 8.91 -17.24 4.35
CA ILE A 310 8.96 -16.43 3.13
C ILE A 310 7.60 -16.36 2.48
N MET A 311 7.47 -15.39 1.57
CA MET A 311 6.22 -15.20 0.87
C MET A 311 6.49 -14.74 -0.55
N LYS A 312 5.88 -15.44 -1.49
CA LYS A 312 5.94 -15.12 -2.91
C LYS A 312 4.71 -14.35 -3.30
N GLU A 313 4.89 -13.37 -4.17
CA GLU A 313 3.81 -12.45 -4.50
C GLU A 313 3.47 -12.54 -5.99
N TYR A 314 2.21 -12.83 -6.27
CA TYR A 314 1.70 -12.96 -7.62
C TYR A 314 0.64 -11.90 -7.87
N SER A 315 0.67 -11.31 -9.05
CA SER A 315 -0.25 -10.26 -9.39
C SER A 315 -1.22 -10.72 -10.47
N ARG A 316 -2.48 -10.32 -10.36
CA ARG A 316 -3.46 -10.63 -11.41
C ARG A 316 -4.72 -9.79 -11.24
N PHE A 317 -5.57 -9.80 -12.26
N PHE A 317 -5.57 -9.78 -12.26
CA PHE A 317 -6.85 -9.10 -12.22
CA PHE A 317 -6.79 -9.00 -12.18
C PHE A 317 -7.72 -9.66 -11.11
C PHE A 317 -7.76 -9.62 -11.18
N ALA A 318 -8.41 -8.77 -10.40
CA ALA A 318 -9.27 -9.20 -9.31
C ALA A 318 -10.63 -9.71 -9.82
N GLU A 319 -10.91 -10.98 -9.58
CA GLU A 319 -12.22 -11.53 -9.90
C GLU A 319 -13.08 -11.60 -8.65
N GLU A 320 -14.34 -12.02 -8.80
CA GLU A 320 -15.23 -12.02 -7.66
C GLU A 320 -14.73 -13.03 -6.64
N GLY A 321 -14.66 -12.60 -5.38
CA GLY A 321 -14.08 -13.41 -4.33
C GLY A 321 -12.63 -13.02 -4.03
N ASP A 322 -12.02 -12.23 -4.91
CA ASP A 322 -10.66 -11.77 -4.69
C ASP A 322 -10.64 -10.47 -3.89
N GLU A 323 -9.59 -10.28 -3.08
CA GLU A 323 -9.38 -9.00 -2.41
C GLU A 323 -9.00 -7.93 -3.42
N PRO A 324 -9.79 -6.85 -3.49
CA PRO A 324 -9.41 -5.74 -4.37
C PRO A 324 -8.31 -4.88 -3.73
N TYR A 325 -7.14 -4.79 -4.38
CA TYR A 325 -5.99 -4.06 -3.82
C TYR A 325 -5.64 -2.76 -4.56
N TYR A 326 -5.46 -2.82 -5.88
CA TYR A 326 -5.09 -1.64 -6.68
C TYR A 326 -6.09 -1.33 -7.79
N PRO A 327 -6.58 -0.08 -7.82
CA PRO A 327 -7.44 0.37 -8.91
C PRO A 327 -6.76 0.23 -10.28
N ILE A 328 -7.45 -0.31 -11.28
CA ILE A 328 -6.84 -0.50 -12.60
C ILE A 328 -6.82 0.82 -13.37
N ASN A 329 -7.89 1.61 -13.19
CA ASN A 329 -8.00 2.95 -13.77
C ASN A 329 -7.98 3.01 -15.30
N THR A 330 -8.64 2.08 -15.95
CA THR A 330 -8.89 2.21 -17.38
C THR A 330 -9.77 3.42 -17.60
N PRO A 331 -9.78 3.98 -18.82
CA PRO A 331 -10.68 5.12 -19.03
C PRO A 331 -12.14 4.75 -18.74
N SER A 332 -12.47 3.48 -18.94
N SER A 332 -12.48 3.48 -18.93
CA SER A 332 -13.79 2.97 -18.59
CA SER A 332 -13.80 3.00 -18.57
C SER A 332 -14.03 3.08 -17.08
C SER A 332 -14.03 3.08 -17.07
N ASP A 333 -12.98 2.83 -16.30
CA ASP A 333 -13.07 2.89 -14.84
C ASP A 333 -13.24 4.33 -14.43
N ARG A 334 -12.43 5.21 -15.02
CA ARG A 334 -12.47 6.63 -14.70
C ARG A 334 -13.84 7.22 -14.97
N GLU A 335 -14.52 6.66 -15.97
CA GLU A 335 -15.84 7.15 -16.31
C GLU A 335 -16.85 6.81 -15.23
N MET A 336 -16.91 5.55 -14.82
CA MET A 336 -17.95 5.20 -13.88
C MET A 336 -17.61 5.73 -12.50
N LEU A 337 -16.31 5.97 -12.25
CA LEU A 337 -15.89 6.63 -11.01
C LEU A 337 -16.47 8.04 -10.90
N PHE A 338 -16.35 8.81 -11.97
CA PHE A 338 -16.88 10.17 -11.99
C PHE A 338 -18.40 10.18 -11.74
N LYS A 339 -19.10 9.18 -12.27
CA LYS A 339 -20.52 8.99 -11.99
C LYS A 339 -20.77 8.61 -10.53
N TYR A 340 -19.92 7.76 -9.97
CA TYR A 340 -20.09 7.39 -8.57
C TYR A 340 -19.77 8.58 -7.66
N ARG A 341 -18.87 9.47 -8.10
CA ARG A 341 -18.55 10.64 -7.28
C ARG A 341 -19.75 11.56 -7.14
N GLU A 342 -20.60 11.60 -8.16
CA GLU A 342 -21.77 12.45 -8.14
C GLU A 342 -22.83 11.84 -7.23
N LEU A 343 -22.94 10.52 -7.27
CA LEU A 343 -23.82 9.83 -6.34
C LEU A 343 -23.36 10.02 -4.88
N ALA A 344 -22.06 9.89 -4.64
CA ALA A 344 -21.51 10.01 -3.29
C ALA A 344 -21.77 11.40 -2.73
N ASP A 345 -21.42 12.43 -3.52
CA ASP A 345 -21.66 13.82 -3.13
C ASP A 345 -23.11 14.12 -2.78
N ALA A 346 -24.04 13.50 -3.52
CA ALA A 346 -25.46 13.65 -3.23
C ALA A 346 -25.82 12.93 -1.93
N GLU A 347 -25.25 11.74 -1.76
CA GLU A 347 -25.49 10.94 -0.57
C GLU A 347 -24.97 11.67 0.68
N THR A 348 -23.88 12.41 0.54
CA THR A 348 -23.33 13.16 1.67
C THR A 348 -24.32 14.23 2.13
N GLU A 349 -24.90 14.97 1.19
CA GLU A 349 -25.78 16.05 1.60
C GLU A 349 -27.18 15.58 1.98
N SER A 350 -27.63 14.44 1.46
CA SER A 350 -28.93 13.92 1.86
C SER A 350 -28.87 12.97 3.08
N GLY A 351 -27.76 12.24 3.24
CA GLY A 351 -27.69 11.19 4.24
C GLY A 351 -26.59 11.31 5.30
N LYS A 352 -25.79 12.35 5.18
CA LYS A 352 -24.63 12.59 6.07
C LYS A 352 -23.65 11.42 6.03
N VAL A 353 -23.51 10.83 4.86
CA VAL A 353 -22.52 9.78 4.66
C VAL A 353 -21.35 10.36 3.87
N TYR A 354 -20.17 10.35 4.50
CA TYR A 354 -18.93 10.80 3.88
C TYR A 354 -18.18 9.59 3.32
N PHE A 355 -17.45 9.81 2.23
CA PHE A 355 -16.73 8.71 1.60
C PHE A 355 -15.23 8.95 1.65
N GLY A 356 -14.48 7.95 2.12
CA GLY A 356 -13.05 8.13 2.20
C GLY A 356 -12.31 6.82 2.13
N GLY A 357 -11.00 6.89 2.15
CA GLY A 357 -10.18 5.70 2.13
C GLY A 357 -10.01 5.13 0.74
N ARG A 358 -9.23 4.05 0.67
CA ARG A 358 -8.85 3.40 -0.58
C ARG A 358 -10.07 2.89 -1.33
N LEU A 359 -10.91 2.11 -0.66
CA LEU A 359 -12.10 1.54 -1.28
C LEU A 359 -13.19 2.59 -1.50
N GLY A 360 -13.35 3.50 -0.55
CA GLY A 360 -14.40 4.50 -0.65
C GLY A 360 -14.18 5.51 -1.75
N THR A 361 -12.95 5.65 -2.23
CA THR A 361 -12.68 6.67 -3.24
C THR A 361 -12.03 6.11 -4.51
N TYR A 362 -11.87 4.79 -4.59
CA TYR A 362 -11.21 4.13 -5.73
C TYR A 362 -9.83 4.71 -5.99
N GLN A 363 -8.99 4.73 -4.97
CA GLN A 363 -7.67 5.32 -5.10
C GLN A 363 -6.73 4.62 -4.17
N TYR A 364 -5.61 4.16 -4.71
CA TYR A 364 -4.59 3.56 -3.88
C TYR A 364 -4.04 4.63 -2.94
N LEU A 365 -3.96 4.31 -1.65
CA LEU A 365 -3.39 5.22 -0.68
C LEU A 365 -2.35 4.50 0.17
N ASP A 366 -1.12 5.01 0.21
CA ASP A 366 -0.18 4.60 1.24
C ASP A 366 -0.76 4.95 2.63
N MET A 367 -0.22 4.34 3.67
CA MET A 367 -0.68 4.56 5.03
C MET A 367 -0.61 6.03 5.42
N HIS A 368 0.51 6.71 5.16
CA HIS A 368 0.61 8.12 5.55
C HIS A 368 -0.33 9.01 4.75
N MET A 369 -0.64 8.62 3.53
CA MET A 369 -1.56 9.38 2.69
C MET A 369 -2.99 9.13 3.14
N ALA A 370 -3.28 7.89 3.55
CA ALA A 370 -4.58 7.60 4.14
C ALA A 370 -4.76 8.44 5.41
N ILE A 371 -3.75 8.45 6.28
CA ILE A 371 -3.81 9.25 7.50
C ILE A 371 -3.98 10.75 7.19
N ALA A 372 -3.19 11.28 6.26
CA ALA A 372 -3.30 12.68 5.88
C ALA A 372 -4.70 12.98 5.34
N SER A 373 -5.22 12.10 4.50
CA SER A 373 -6.56 12.27 3.96
C SER A 373 -7.64 12.24 5.08
N ALA A 374 -7.48 11.35 6.04
CA ALA A 374 -8.44 11.30 7.16
C ALA A 374 -8.32 12.56 8.02
N LEU A 375 -7.10 13.02 8.28
CA LEU A 375 -6.90 14.22 9.09
C LEU A 375 -7.58 15.41 8.43
N SER A 376 -7.53 15.45 7.10
CA SER A 376 -8.14 16.53 6.34
C SER A 376 -9.65 16.46 6.37
N MET A 377 -10.22 15.27 6.14
CA MET A 377 -11.66 15.14 6.24
C MET A 377 -12.14 15.50 7.64
N PHE A 378 -11.39 15.11 8.65
CA PHE A 378 -11.74 15.47 10.01
C PHE A 378 -11.77 16.99 10.18
N ASP A 379 -10.65 17.63 9.85
CA ASP A 379 -10.50 19.06 9.99
C ASP A 379 -11.53 19.85 9.20
N ASN A 380 -11.75 19.45 7.96
CA ASN A 380 -12.52 20.28 7.02
C ASN A 380 -13.99 19.93 6.90
N LYS A 381 -14.37 18.72 7.32
CA LYS A 381 -15.76 18.29 7.19
C LYS A 381 -16.41 17.85 8.50
N LEU A 382 -15.74 17.01 9.27
CA LEU A 382 -16.41 16.33 10.39
C LEU A 382 -16.56 17.19 11.63
N VAL A 383 -15.58 18.06 11.91
CA VAL A 383 -15.69 19.00 13.02
C VAL A 383 -16.99 19.79 12.90
N ASP A 384 -17.29 20.27 11.70
CA ASP A 384 -18.53 20.99 11.46
C ASP A 384 -19.75 20.05 11.51
N ALA A 385 -19.64 18.87 10.91
CA ALA A 385 -20.79 17.95 10.87
C ALA A 385 -21.15 17.41 12.25
N LEU A 386 -20.24 17.49 13.22
CA LEU A 386 -20.51 16.91 14.54
C LEU A 386 -20.85 17.93 15.64
N LYS A 387 -21.16 19.17 15.29
CA LYS A 387 -21.54 20.16 16.32
C LYS A 387 -23.01 20.56 16.27
#